data_1XXG
#
_entry.id   1XXG
#
_cell.length_a   70.738
_cell.length_b   70.738
_cell.length_c   111.898
_cell.angle_alpha   90.00
_cell.angle_beta   90.00
_cell.angle_gamma   90.00
#
_symmetry.space_group_name_H-M   'P 41 21 2'
#
loop_
_entity.id
_entity.type
_entity.pdbx_description
1 polymer enterotoxin
2 non-polymer 'SULFATE ION'
3 water water
#
_entity_poly.entity_id   1
_entity_poly.type   'polypeptide(L)'
_entity_poly.pdbx_seq_one_letter_code
;QPDPKLDELNKVSDYKSNKGTMGNVMNLYMSPPVEGRGVINSRQFLSHDLIFPIEYKSYNEVKTELENTELANNYKGKKV
DIFGVPYFYTCIIPKSEPDINQNFGGCCMYGGLTFNSSENERDKLITVQVTIDNRQSLGFTITTNKNMVTIQELDYKARH
WLTKEKKLYEFDGSAFESGYIKFTEKNNTSFWFDLFPKKELVPFVPYKFLNIYGDNKVVDSKSIKMEVFLNTH
;
_entity_poly.pdbx_strand_id   A
#
loop_
_chem_comp.id
_chem_comp.type
_chem_comp.name
_chem_comp.formula
SO4 non-polymer 'SULFATE ION' 'O4 S -2'
#
# COMPACT_ATOMS: atom_id res chain seq x y z
N GLN A 1 -1.17 -3.22 -16.84
CA GLN A 1 -0.71 -3.51 -18.23
C GLN A 1 -0.56 -2.22 -19.03
N PRO A 2 0.37 -2.20 -20.01
CA PRO A 2 1.27 -3.31 -20.38
C PRO A 2 2.54 -3.32 -19.53
N ASP A 3 3.22 -4.47 -19.50
CA ASP A 3 4.44 -4.57 -18.71
C ASP A 3 5.45 -3.50 -19.13
N PRO A 4 6.05 -2.83 -18.13
CA PRO A 4 7.04 -1.77 -18.35
C PRO A 4 8.39 -2.28 -18.82
N LYS A 5 9.15 -1.39 -19.44
CA LYS A 5 10.49 -1.73 -19.92
C LYS A 5 11.49 -1.15 -18.93
N LEU A 6 12.63 -1.82 -18.78
CA LEU A 6 13.68 -1.39 -17.86
C LEU A 6 13.86 0.14 -17.81
N ASP A 7 13.82 0.76 -18.98
CA ASP A 7 14.00 2.20 -19.10
C ASP A 7 12.93 3.08 -18.45
N GLU A 8 11.70 2.59 -18.34
CA GLU A 8 10.63 3.38 -17.73
C GLU A 8 10.44 3.22 -16.22
N LEU A 9 11.19 2.31 -15.61
CA LEU A 9 11.10 2.08 -14.16
C LEU A 9 11.95 3.09 -13.39
N ASN A 10 11.49 3.53 -12.22
CA ASN A 10 12.24 4.49 -11.42
C ASN A 10 13.52 3.84 -10.89
N LYS A 11 14.61 4.60 -10.90
CA LYS A 11 15.90 4.07 -10.46
C LYS A 11 16.31 4.43 -9.04
N VAL A 12 16.84 3.45 -8.33
CA VAL A 12 17.29 3.66 -6.96
C VAL A 12 18.44 4.66 -6.92
N SER A 13 19.38 4.51 -7.85
CA SER A 13 20.54 5.40 -7.93
C SER A 13 20.14 6.87 -8.14
N ASP A 14 19.08 7.08 -8.92
CA ASP A 14 18.61 8.44 -9.20
C ASP A 14 17.99 9.13 -8.00
N TYR A 15 17.40 8.35 -7.09
CA TYR A 15 16.77 8.95 -5.92
C TYR A 15 17.89 9.45 -4.99
N LYS A 16 18.90 8.63 -4.75
CA LYS A 16 20.00 9.06 -3.90
C LYS A 16 20.70 10.27 -4.54
N SER A 17 20.94 10.21 -5.85
CA SER A 17 21.59 11.32 -6.56
C SER A 17 20.87 12.64 -6.30
N ASN A 18 19.54 12.60 -6.23
CA ASN A 18 18.78 13.81 -5.99
C ASN A 18 18.64 14.13 -4.50
N LYS A 19 19.52 13.56 -3.69
CA LYS A 19 19.50 13.78 -2.24
C LYS A 19 18.24 13.20 -1.57
N GLY A 20 17.68 12.14 -2.15
CA GLY A 20 16.51 11.51 -1.58
C GLY A 20 16.92 10.39 -0.65
N THR A 21 16.11 10.15 0.40
CA THR A 21 16.39 9.11 1.38
C THR A 21 15.42 7.92 1.28
N MET A 22 15.88 6.80 0.73
CA MET A 22 14.99 5.64 0.59
C MET A 22 14.44 5.15 1.93
N GLY A 23 15.03 5.61 3.04
CA GLY A 23 14.56 5.22 4.35
C GLY A 23 13.12 5.61 4.61
N ASN A 24 12.66 6.70 4.00
CA ASN A 24 11.27 7.14 4.18
C ASN A 24 10.27 6.10 3.67
N VAL A 25 10.65 5.41 2.59
CA VAL A 25 9.81 4.37 2.01
C VAL A 25 9.98 3.10 2.84
N MET A 26 11.21 2.83 3.26
CA MET A 26 11.48 1.66 4.08
C MET A 26 10.58 1.70 5.31
N ASN A 27 10.47 2.87 5.92
CA ASN A 27 9.66 3.04 7.12
C ASN A 27 8.20 2.75 6.93
N LEU A 28 7.67 3.06 5.74
CA LEU A 28 6.27 2.80 5.46
C LEU A 28 5.99 1.30 5.44
N TYR A 29 6.89 0.52 4.85
CA TYR A 29 6.68 -0.91 4.72
C TYR A 29 7.22 -1.81 5.82
N MET A 30 7.95 -1.22 6.77
CA MET A 30 8.50 -1.95 7.91
C MET A 30 7.66 -1.65 9.15
N SER A 31 7.08 -0.45 9.20
CA SER A 31 6.22 -0.06 10.33
C SER A 31 4.90 -0.78 10.21
N PRO A 32 4.23 -1.05 11.35
CA PRO A 32 2.94 -1.74 11.30
C PRO A 32 1.90 -0.97 10.51
N PRO A 33 0.93 -1.69 9.93
CA PRO A 33 -0.14 -1.08 9.14
C PRO A 33 -1.32 -0.73 10.04
N VAL A 34 -2.23 0.11 9.53
CA VAL A 34 -3.42 0.43 10.29
C VAL A 34 -4.28 -0.83 10.10
N GLU A 35 -4.80 -1.38 11.19
CA GLU A 35 -5.63 -2.59 11.08
C GLU A 35 -6.85 -2.53 11.97
N GLY A 36 -8.03 -2.65 11.37
CA GLY A 36 -9.26 -2.60 12.14
C GLY A 36 -10.32 -3.54 11.63
N ARG A 37 -11.19 -4.00 12.53
CA ARG A 37 -12.27 -4.92 12.18
C ARG A 37 -13.61 -4.40 12.71
N GLY A 38 -14.59 -4.31 11.82
CA GLY A 38 -15.92 -3.86 12.21
C GLY A 38 -15.98 -2.45 12.79
N VAL A 39 -15.81 -1.45 11.93
CA VAL A 39 -15.86 -0.07 12.38
C VAL A 39 -16.63 0.79 11.39
N ILE A 40 -17.14 1.91 11.86
CA ILE A 40 -17.91 2.84 11.03
C ILE A 40 -17.28 4.23 11.16
N ASN A 41 -17.21 4.94 10.04
CA ASN A 41 -16.61 6.27 10.03
C ASN A 41 -17.41 7.21 10.93
N SER A 42 -16.70 8.02 11.71
CA SER A 42 -17.34 8.96 12.61
C SER A 42 -17.70 10.27 11.92
N ARG A 43 -16.92 10.63 10.89
CA ARG A 43 -17.15 11.87 10.16
C ARG A 43 -16.32 11.97 8.89
N GLN A 44 -16.32 13.16 8.29
CA GLN A 44 -15.57 13.43 7.07
C GLN A 44 -14.89 14.78 7.08
N PHE A 45 -13.84 14.90 6.29
CA PHE A 45 -13.13 16.17 6.15
C PHE A 45 -13.56 16.63 4.76
N LEU A 46 -13.12 15.91 3.73
CA LEU A 46 -13.50 16.20 2.36
C LEU A 46 -14.57 15.16 2.00
N SER A 47 -15.27 15.37 0.90
CA SER A 47 -16.33 14.43 0.52
C SER A 47 -15.81 13.09 -0.02
N HIS A 48 -14.52 13.01 -0.34
CA HIS A 48 -13.96 11.75 -0.83
C HIS A 48 -13.03 11.04 0.18
N ASP A 49 -13.14 11.42 1.45
CA ASP A 49 -12.35 10.78 2.49
C ASP A 49 -13.26 10.46 3.67
N LEU A 50 -12.80 9.56 4.53
CA LEU A 50 -13.56 9.15 5.71
C LEU A 50 -12.63 9.06 6.93
N ILE A 51 -13.14 9.53 8.06
CA ILE A 51 -12.37 9.51 9.30
C ILE A 51 -12.95 8.43 10.19
N PHE A 52 -12.07 7.54 10.68
CA PHE A 52 -12.50 6.45 11.53
C PHE A 52 -11.94 6.53 12.94
N PRO A 53 -12.74 6.12 13.93
CA PRO A 53 -12.33 6.14 15.33
C PRO A 53 -11.51 4.89 15.63
N ILE A 54 -10.49 4.66 14.79
CA ILE A 54 -9.61 3.51 14.95
C ILE A 54 -8.29 3.95 15.57
N GLU A 55 -7.75 3.12 16.43
CA GLU A 55 -6.50 3.40 17.12
C GLU A 55 -5.29 2.86 16.35
N TYR A 56 -4.27 3.70 16.21
CA TYR A 56 -3.02 3.29 15.56
C TYR A 56 -1.92 3.87 16.40
N LYS A 57 -1.14 3.01 17.03
CA LYS A 57 -0.06 3.46 17.90
C LYS A 57 -0.60 4.56 18.81
N SER A 58 0.02 5.72 18.84
CA SER A 58 -0.45 6.78 19.71
C SER A 58 -1.60 7.63 19.15
N TYR A 59 -2.21 7.19 18.05
CA TYR A 59 -3.33 7.90 17.44
C TYR A 59 -4.66 7.25 17.77
N ASN A 60 -5.72 8.05 17.88
CA ASN A 60 -7.04 7.50 18.21
C ASN A 60 -8.02 7.64 17.05
N GLU A 61 -7.53 8.21 15.96
CA GLU A 61 -8.33 8.42 14.76
C GLU A 61 -7.47 8.21 13.53
N VAL A 62 -8.11 7.85 12.43
CA VAL A 62 -7.40 7.66 11.18
C VAL A 62 -8.26 8.17 10.03
N LYS A 63 -7.65 8.94 9.14
CA LYS A 63 -8.35 9.47 7.99
C LYS A 63 -7.86 8.76 6.76
N THR A 64 -8.77 8.16 6.00
CA THR A 64 -8.37 7.49 4.78
C THR A 64 -9.02 8.21 3.60
N GLU A 65 -8.22 8.48 2.58
CA GLU A 65 -8.74 9.16 1.41
C GLU A 65 -9.01 8.24 0.24
N LEU A 66 -10.16 8.43 -0.38
CA LEU A 66 -10.55 7.64 -1.53
C LEU A 66 -10.42 8.50 -2.79
N GLU A 67 -10.21 7.83 -3.93
CA GLU A 67 -10.02 8.49 -5.21
C GLU A 67 -11.07 9.53 -5.59
N ASN A 68 -12.33 9.26 -5.25
CA ASN A 68 -13.40 10.20 -5.57
C ASN A 68 -14.55 10.02 -4.61
N THR A 69 -15.51 10.93 -4.68
CA THR A 69 -16.68 10.93 -3.81
C THR A 69 -17.59 9.72 -3.92
N GLU A 70 -17.77 9.21 -5.13
CA GLU A 70 -18.62 8.04 -5.33
C GLU A 70 -18.03 6.83 -4.60
N LEU A 71 -16.71 6.67 -4.70
CA LEU A 71 -16.01 5.58 -4.07
C LEU A 71 -16.16 5.70 -2.55
N ALA A 72 -16.13 6.93 -2.06
CA ALA A 72 -16.26 7.18 -0.63
C ALA A 72 -17.66 6.81 -0.14
N ASN A 73 -18.69 7.28 -0.84
CA ASN A 73 -20.07 6.99 -0.45
C ASN A 73 -20.38 5.50 -0.32
N ASN A 74 -19.70 4.68 -1.11
CA ASN A 74 -19.92 3.24 -1.08
C ASN A 74 -19.59 2.62 0.28
N TYR A 75 -18.68 3.25 1.02
CA TYR A 75 -18.27 2.73 2.33
C TYR A 75 -18.78 3.55 3.51
N LYS A 76 -19.15 4.79 3.24
CA LYS A 76 -19.64 5.72 4.25
C LYS A 76 -20.80 5.16 5.07
N GLY A 77 -20.76 5.40 6.37
CA GLY A 77 -21.81 4.91 7.26
C GLY A 77 -21.96 3.41 7.41
N LYS A 78 -21.15 2.63 6.71
CA LYS A 78 -21.24 1.17 6.78
C LYS A 78 -20.16 0.52 7.66
N LYS A 79 -20.48 -0.63 8.23
CA LYS A 79 -19.51 -1.35 9.06
C LYS A 79 -18.50 -1.99 8.11
N VAL A 80 -17.23 -1.65 8.30
CA VAL A 80 -16.17 -2.16 7.43
C VAL A 80 -14.92 -2.56 8.20
N ASP A 81 -13.94 -3.11 7.48
CA ASP A 81 -12.66 -3.47 8.06
C ASP A 81 -11.65 -2.56 7.37
N ILE A 82 -10.55 -2.26 8.06
CA ILE A 82 -9.55 -1.38 7.52
C ILE A 82 -8.15 -1.97 7.56
N PHE A 83 -7.39 -1.78 6.48
CA PHE A 83 -6.01 -2.22 6.41
C PHE A 83 -5.26 -1.31 5.46
N GLY A 84 -4.34 -0.51 5.99
CA GLY A 84 -3.59 0.39 5.14
C GLY A 84 -2.24 0.81 5.67
N VAL A 85 -1.51 1.53 4.81
CA VAL A 85 -0.18 2.05 5.09
C VAL A 85 -0.40 3.50 5.52
N PRO A 86 -0.09 3.84 6.78
CA PRO A 86 -0.30 5.21 7.23
C PRO A 86 0.88 6.17 7.06
N TYR A 87 0.59 7.47 7.12
CA TYR A 87 1.60 8.51 7.04
C TYR A 87 1.19 9.67 7.94
N PHE A 88 2.15 10.54 8.27
CA PHE A 88 1.89 11.64 9.19
C PHE A 88 2.35 12.98 8.63
N TYR A 89 3.39 12.94 7.81
CA TYR A 89 3.89 14.16 7.21
C TYR A 89 2.87 14.61 6.16
N THR A 90 2.37 15.84 6.32
CA THR A 90 1.37 16.47 5.46
C THR A 90 -0.06 16.02 5.79
N CYS A 91 -0.19 15.16 6.80
CA CYS A 91 -1.51 14.70 7.21
C CYS A 91 -2.21 15.80 8.00
N ILE A 92 -3.34 16.26 7.48
CA ILE A 92 -4.11 17.32 8.13
C ILE A 92 -5.51 16.79 8.39
N ILE A 93 -5.89 16.75 9.67
CA ILE A 93 -7.21 16.27 10.05
C ILE A 93 -7.87 17.24 11.00
N PRO A 94 -8.73 18.13 10.47
CA PRO A 94 -9.41 19.10 11.33
C PRO A 94 -10.22 18.39 12.42
N LYS A 95 -10.18 18.93 13.63
CA LYS A 95 -10.91 18.35 14.76
C LYS A 95 -12.42 18.47 14.54
N SER A 96 -13.19 17.63 15.22
CA SER A 96 -14.64 17.65 15.10
C SER A 96 -15.21 18.88 15.83
N GLU A 97 -14.45 19.38 16.80
CA GLU A 97 -14.86 20.54 17.60
C GLU A 97 -15.15 21.79 16.78
N PRO A 98 -14.19 22.71 16.73
CA PRO A 98 -14.34 23.95 15.97
C PRO A 98 -13.00 24.55 15.59
N PHE A 104 -5.28 19.67 12.32
CA PHE A 104 -3.88 19.58 12.83
C PHE A 104 -3.33 18.18 12.59
N GLY A 105 -2.20 17.88 13.22
CA GLY A 105 -1.56 16.58 13.06
C GLY A 105 -2.49 15.38 13.21
N GLY A 106 -2.14 14.29 12.54
CA GLY A 106 -2.95 13.10 12.63
C GLY A 106 -2.34 11.95 11.84
N CYS A 107 -3.13 10.90 11.68
CA CYS A 107 -2.69 9.71 10.96
C CYS A 107 -3.58 9.56 9.72
N CYS A 108 -2.94 9.51 8.56
CA CYS A 108 -3.65 9.41 7.29
C CYS A 108 -3.27 8.18 6.46
N MET A 109 -4.11 7.86 5.48
CA MET A 109 -3.89 6.72 4.59
C MET A 109 -4.84 6.83 3.38
N TYR A 110 -4.64 5.95 2.40
CA TYR A 110 -5.48 5.89 1.20
C TYR A 110 -6.24 4.57 1.19
N GLY A 111 -7.43 4.58 0.59
CA GLY A 111 -8.25 3.38 0.49
C GLY A 111 -8.21 2.44 1.68
N GLY A 112 -7.94 1.16 1.41
CA GLY A 112 -7.85 0.15 2.46
C GLY A 112 -9.13 -0.39 3.09
N LEU A 113 -10.28 -0.12 2.48
CA LEU A 113 -11.55 -0.58 3.03
C LEU A 113 -12.18 -1.79 2.37
N THR A 114 -12.87 -2.58 3.20
CA THR A 114 -13.60 -3.76 2.74
C THR A 114 -14.78 -3.89 3.69
N PHE A 115 -15.82 -4.61 3.28
CA PHE A 115 -16.99 -4.76 4.14
C PHE A 115 -16.77 -5.83 5.20
N ASN A 116 -17.23 -5.53 6.40
CA ASN A 116 -17.12 -6.43 7.54
C ASN A 116 -18.18 -7.53 7.49
N SER A 117 -17.76 -8.76 7.74
CA SER A 117 -18.67 -9.90 7.74
C SER A 117 -18.29 -10.89 8.84
N SER A 118 -18.86 -12.09 8.79
CA SER A 118 -18.56 -13.11 9.78
C SER A 118 -17.17 -13.67 9.49
N GLU A 119 -16.22 -13.36 10.37
CA GLU A 119 -14.84 -13.84 10.24
C GLU A 119 -14.81 -15.36 10.08
N ASN A 120 -14.22 -15.82 8.97
CA ASN A 120 -14.11 -17.26 8.70
C ASN A 120 -13.45 -17.49 7.34
N ARG A 122 -11.09 -19.73 8.10
CA ARG A 122 -9.78 -20.16 7.54
C ARG A 122 -9.06 -19.04 6.77
N ASP A 123 -7.80 -18.79 7.14
CA ASP A 123 -6.99 -17.77 6.48
C ASP A 123 -6.65 -18.30 5.09
N LYS A 124 -6.34 -17.39 4.18
CA LYS A 124 -5.97 -17.77 2.83
C LYS A 124 -4.48 -17.44 2.72
N LEU A 125 -3.73 -18.29 2.04
CA LEU A 125 -2.32 -18.05 1.84
C LEU A 125 -2.08 -17.78 0.36
N ILE A 126 -1.19 -16.84 0.07
CA ILE A 126 -0.87 -16.49 -1.30
C ILE A 126 0.62 -16.60 -1.47
N THR A 127 1.04 -17.26 -2.55
CA THR A 127 2.46 -17.42 -2.82
C THR A 127 2.87 -16.30 -3.77
N VAL A 128 3.68 -15.37 -3.27
CA VAL A 128 4.15 -14.27 -4.09
C VAL A 128 5.36 -14.74 -4.87
N GLN A 129 5.31 -14.58 -6.19
CA GLN A 129 6.42 -15.00 -7.06
C GLN A 129 7.43 -13.88 -7.24
N VAL A 130 8.70 -14.17 -6.99
CA VAL A 130 9.74 -13.16 -7.17
C VAL A 130 10.75 -13.60 -8.22
N THR A 131 11.10 -12.67 -9.11
CA THR A 131 12.05 -12.96 -10.16
C THR A 131 13.08 -11.85 -10.20
N ILE A 132 14.35 -12.23 -10.14
CA ILE A 132 15.43 -11.28 -10.16
C ILE A 132 16.20 -11.41 -11.49
N ASP A 133 16.38 -10.27 -12.17
CA ASP A 133 17.09 -10.24 -13.45
C ASP A 133 16.72 -11.42 -14.36
N ASN A 134 15.43 -11.77 -14.36
CA ASN A 134 14.90 -12.87 -15.17
C ASN A 134 15.72 -14.16 -15.10
N ARG A 135 16.58 -14.29 -14.10
CA ARG A 135 17.41 -15.48 -13.97
C ARG A 135 17.04 -16.30 -12.75
N GLN A 136 17.00 -15.64 -11.59
CA GLN A 136 16.69 -16.31 -10.33
C GLN A 136 15.24 -16.20 -9.87
N SER A 137 14.69 -17.32 -9.42
CA SER A 137 13.32 -17.36 -8.93
C SER A 137 13.31 -17.56 -7.42
N LEU A 138 12.42 -16.84 -6.74
CA LEU A 138 12.27 -16.91 -5.29
C LEU A 138 10.78 -16.88 -5.02
N GLY A 139 10.40 -17.19 -3.78
CA GLY A 139 8.99 -17.17 -3.44
C GLY A 139 8.79 -17.15 -1.94
N PHE A 140 7.68 -16.58 -1.50
CA PHE A 140 7.33 -16.53 -0.08
C PHE A 140 5.82 -16.46 -0.01
N THR A 141 5.27 -16.60 1.19
CA THR A 141 3.83 -16.55 1.34
C THR A 141 3.37 -15.46 2.29
N ILE A 142 2.20 -14.91 2.00
CA ILE A 142 1.57 -13.89 2.83
C ILE A 142 0.20 -14.44 3.16
N THR A 143 -0.45 -13.90 4.17
CA THR A 143 -1.78 -14.38 4.55
C THR A 143 -2.75 -13.27 4.88
N THR A 144 -4.04 -13.58 4.72
CA THR A 144 -5.12 -12.66 5.02
C THR A 144 -6.35 -13.49 5.28
N ASN A 145 -7.19 -13.04 6.21
CA ASN A 145 -8.40 -13.77 6.53
C ASN A 145 -9.53 -13.39 5.58
N LYS A 146 -9.33 -12.29 4.85
CA LYS A 146 -10.33 -11.76 3.92
C LYS A 146 -10.47 -12.46 2.58
N ASN A 147 -11.71 -12.78 2.21
CA ASN A 147 -11.99 -13.41 0.92
C ASN A 147 -11.87 -12.29 -0.12
N MET A 148 -12.40 -11.13 0.22
CA MET A 148 -12.33 -9.94 -0.63
C MET A 148 -11.33 -9.05 0.10
N VAL A 149 -10.15 -8.88 -0.49
CA VAL A 149 -9.07 -8.10 0.13
C VAL A 149 -8.55 -6.99 -0.79
N THR A 150 -8.15 -5.86 -0.20
CA THR A 150 -7.63 -4.75 -1.00
C THR A 150 -6.24 -5.08 -1.52
N ILE A 151 -5.91 -4.53 -2.67
CA ILE A 151 -4.59 -4.70 -3.26
C ILE A 151 -3.56 -4.13 -2.29
N GLN A 152 -3.97 -3.11 -1.53
CA GLN A 152 -3.07 -2.47 -0.57
C GLN A 152 -2.63 -3.43 0.53
N GLU A 153 -3.56 -4.20 1.09
CA GLU A 153 -3.17 -5.14 2.15
C GLU A 153 -2.12 -6.10 1.61
N LEU A 154 -2.40 -6.67 0.45
CA LEU A 154 -1.48 -7.63 -0.19
C LEU A 154 -0.12 -7.01 -0.55
N ASP A 155 -0.14 -5.78 -1.05
CA ASP A 155 1.07 -5.08 -1.46
C ASP A 155 1.94 -4.79 -0.25
N TYR A 156 1.33 -4.29 0.83
CA TYR A 156 2.09 -4.00 2.04
C TYR A 156 2.79 -5.27 2.57
N LYS A 157 2.02 -6.35 2.72
CA LYS A 157 2.56 -7.62 3.20
C LYS A 157 3.69 -8.12 2.30
N ALA A 158 3.54 -7.95 0.99
CA ALA A 158 4.58 -8.38 0.06
C ALA A 158 5.85 -7.55 0.27
N ARG A 159 5.74 -6.23 0.21
CA ARG A 159 6.91 -5.36 0.37
C ARG A 159 7.53 -5.45 1.75
N HIS A 160 6.71 -5.72 2.76
CA HIS A 160 7.19 -5.86 4.14
C HIS A 160 8.16 -7.03 4.20
N TRP A 161 7.76 -8.16 3.61
CA TRP A 161 8.63 -9.33 3.60
C TRP A 161 9.92 -9.05 2.80
N LEU A 162 9.77 -8.48 1.61
CA LEU A 162 10.93 -8.18 0.76
C LEU A 162 11.88 -7.16 1.36
N THR A 163 11.35 -6.28 2.19
CA THR A 163 12.19 -5.26 2.81
C THR A 163 12.97 -5.92 3.94
N LYS A 164 12.26 -6.69 4.76
CA LYS A 164 12.89 -7.37 5.89
C LYS A 164 13.81 -8.51 5.48
N GLU A 165 13.43 -9.26 4.46
CA GLU A 165 14.26 -10.39 4.05
C GLU A 165 15.20 -10.15 2.88
N LYS A 166 14.82 -9.26 1.94
CA LYS A 166 15.67 -9.02 0.78
C LYS A 166 16.20 -7.61 0.57
N LYS A 167 16.11 -6.76 1.59
CA LYS A 167 16.62 -5.40 1.49
C LYS A 167 16.04 -4.58 0.34
N LEU A 168 14.75 -4.78 0.06
CA LEU A 168 14.06 -4.04 -1.01
C LEU A 168 14.32 -2.54 -0.81
N TYR A 169 14.15 -2.07 0.42
CA TYR A 169 14.40 -0.68 0.76
C TYR A 169 15.39 -0.67 1.92
N GLU A 170 16.43 0.15 1.80
CA GLU A 170 17.44 0.31 2.83
C GLU A 170 17.39 1.79 3.16
N PHE A 171 18.10 2.22 4.19
CA PHE A 171 18.05 3.63 4.57
C PHE A 171 18.55 4.57 3.46
N ASP A 172 19.63 4.20 2.80
CA ASP A 172 20.17 5.07 1.78
C ASP A 172 20.19 4.44 0.38
N GLY A 173 19.41 3.38 0.19
CA GLY A 173 19.36 2.73 -1.11
C GLY A 173 18.55 1.45 -1.15
N SER A 174 19.06 0.46 -1.88
CA SER A 174 18.38 -0.81 -2.03
C SER A 174 19.39 -1.86 -2.49
N ALA A 175 19.03 -3.12 -2.38
CA ALA A 175 19.92 -4.18 -2.83
C ALA A 175 19.67 -4.32 -4.34
N PHE A 176 18.72 -3.53 -4.83
CA PHE A 176 18.33 -3.52 -6.24
C PHE A 176 18.41 -2.13 -6.83
N GLU A 177 18.16 -2.02 -8.13
CA GLU A 177 18.19 -0.74 -8.83
C GLU A 177 16.79 -0.28 -9.24
N SER A 178 15.94 -1.24 -9.60
CA SER A 178 14.56 -0.96 -10.01
C SER A 178 13.71 -2.22 -9.89
N GLY A 179 12.40 -2.06 -10.04
CA GLY A 179 11.52 -3.21 -9.94
C GLY A 179 10.05 -2.84 -9.87
N TYR A 180 9.18 -3.84 -10.00
CA TYR A 180 7.75 -3.60 -9.91
C TYR A 180 7.02 -4.82 -9.43
N ILE A 181 5.81 -4.62 -8.93
CA ILE A 181 5.00 -5.74 -8.48
C ILE A 181 3.80 -5.79 -9.42
N LYS A 182 3.48 -6.99 -9.90
CA LYS A 182 2.38 -7.17 -10.84
C LYS A 182 1.28 -8.06 -10.28
N PHE A 183 0.04 -7.61 -10.42
CA PHE A 183 -1.10 -8.37 -9.94
C PHE A 183 -1.89 -8.87 -11.14
N THR A 184 -2.35 -10.11 -11.07
CA THR A 184 -3.15 -10.71 -12.15
C THR A 184 -4.37 -11.38 -11.52
N GLU A 185 -5.55 -10.90 -11.89
CA GLU A 185 -6.80 -11.46 -11.35
C GLU A 185 -7.29 -12.67 -12.15
N LYS A 186 -8.28 -13.36 -11.60
CA LYS A 186 -8.86 -14.54 -12.24
C LYS A 186 -9.23 -14.32 -13.71
N ASN A 187 -9.84 -13.18 -14.02
CA ASN A 187 -10.24 -12.89 -15.40
C ASN A 187 -9.08 -12.46 -16.31
N ASN A 188 -7.87 -12.89 -15.96
CA ASN A 188 -6.68 -12.60 -16.75
C ASN A 188 -6.28 -11.12 -16.91
N THR A 189 -6.98 -10.20 -16.23
CA THR A 189 -6.62 -8.79 -16.33
C THR A 189 -5.49 -8.51 -15.34
N SER A 190 -4.62 -7.56 -15.66
CA SER A 190 -3.49 -7.25 -14.79
C SER A 190 -3.05 -5.79 -14.79
N PHE A 191 -2.35 -5.42 -13.72
CA PHE A 191 -1.81 -4.07 -13.53
C PHE A 191 -0.56 -4.15 -12.64
N TRP A 192 0.27 -3.12 -12.67
CA TRP A 192 1.49 -3.12 -11.88
C TRP A 192 1.79 -1.80 -11.16
N PHE A 193 2.77 -1.86 -10.26
CA PHE A 193 3.20 -0.70 -9.49
C PHE A 193 4.71 -0.63 -9.50
N ASP A 194 5.26 0.55 -9.79
CA ASP A 194 6.71 0.71 -9.75
C ASP A 194 7.01 0.69 -8.23
N LEU A 195 7.97 -0.12 -7.80
CA LEU A 195 8.29 -0.23 -6.38
C LEU A 195 9.10 0.93 -5.80
N PHE A 196 9.65 1.78 -6.66
CA PHE A 196 10.45 2.89 -6.16
C PHE A 196 9.92 4.28 -6.51
N PRO A 197 10.27 5.27 -5.68
CA PRO A 197 9.86 6.68 -5.82
C PRO A 197 10.51 7.42 -6.97
N LYS A 198 9.75 8.34 -7.57
CA LYS A 198 10.23 9.15 -8.68
C LYS A 198 11.43 9.95 -8.19
N LYS A 199 12.44 10.12 -9.06
CA LYS A 199 13.64 10.86 -8.66
C LYS A 199 13.31 12.28 -8.21
N GLU A 200 12.16 12.79 -8.65
CA GLU A 200 11.75 14.15 -8.30
C GLU A 200 11.15 14.30 -6.91
N LEU A 201 10.79 13.18 -6.28
CA LEU A 201 10.15 13.22 -4.97
C LEU A 201 11.07 13.46 -3.75
N VAL A 202 11.50 14.71 -3.60
CA VAL A 202 12.37 15.15 -2.51
C VAL A 202 11.94 16.56 -2.11
N PRO A 203 11.52 16.77 -0.85
CA PRO A 203 11.42 15.75 0.21
C PRO A 203 10.38 14.70 -0.16
N PHE A 204 10.39 13.58 0.56
CA PHE A 204 9.41 12.54 0.30
C PHE A 204 8.06 13.06 0.74
N VAL A 205 7.10 13.09 -0.18
CA VAL A 205 5.76 13.55 0.14
C VAL A 205 4.84 12.33 0.05
N PRO A 206 4.42 11.80 1.20
CA PRO A 206 3.54 10.62 1.21
C PRO A 206 2.28 10.64 0.34
N TYR A 207 1.61 11.79 0.20
CA TYR A 207 0.40 11.78 -0.62
C TYR A 207 0.67 11.69 -2.12
N LYS A 208 1.94 11.63 -2.51
CA LYS A 208 2.28 11.50 -3.92
C LYS A 208 2.88 10.12 -4.19
N PHE A 209 3.00 9.32 -3.14
CA PHE A 209 3.54 7.97 -3.26
C PHE A 209 2.45 6.93 -2.97
N LEU A 210 1.77 7.12 -1.85
CA LEU A 210 0.71 6.21 -1.43
C LEU A 210 -0.63 6.39 -2.14
N ASN A 211 -0.79 7.49 -2.88
CA ASN A 211 -2.06 7.73 -3.58
C ASN A 211 -2.45 6.60 -4.56
N ILE A 212 -1.53 5.70 -4.85
CA ILE A 212 -1.83 4.58 -5.74
C ILE A 212 -2.84 3.64 -5.06
N TYR A 213 -3.12 3.86 -3.78
CA TYR A 213 -4.06 3.03 -3.05
C TYR A 213 -5.43 3.67 -2.94
N GLY A 214 -5.55 4.91 -3.41
CA GLY A 214 -6.81 5.62 -3.35
C GLY A 214 -7.96 4.98 -4.09
N ASP A 215 -7.68 4.22 -5.16
CA ASP A 215 -8.75 3.57 -5.91
C ASP A 215 -9.38 2.43 -5.10
N ASN A 216 -8.80 2.14 -3.95
CA ASN A 216 -9.32 1.09 -3.06
C ASN A 216 -9.69 -0.18 -3.83
N LYS A 217 -8.80 -0.59 -4.72
CA LYS A 217 -9.01 -1.78 -5.54
C LYS A 217 -9.09 -3.00 -4.63
N VAL A 218 -10.12 -3.82 -4.84
CA VAL A 218 -10.37 -5.02 -4.04
C VAL A 218 -10.41 -6.25 -4.95
N VAL A 219 -9.75 -7.32 -4.53
CA VAL A 219 -9.70 -8.56 -5.29
C VAL A 219 -9.97 -9.79 -4.44
N ASP A 220 -10.14 -10.93 -5.10
CA ASP A 220 -10.39 -12.21 -4.45
C ASP A 220 -9.05 -12.82 -4.02
N SER A 221 -8.86 -12.95 -2.72
CA SER A 221 -7.62 -13.50 -2.18
C SER A 221 -7.38 -14.97 -2.56
N LYS A 222 -8.45 -15.72 -2.79
CA LYS A 222 -8.32 -17.13 -3.14
C LYS A 222 -7.80 -17.38 -4.55
N SER A 223 -7.90 -16.39 -5.42
CA SER A 223 -7.46 -16.56 -6.81
C SER A 223 -6.42 -15.57 -7.34
N ILE A 224 -6.22 -14.47 -6.63
CA ILE A 224 -5.27 -13.45 -7.08
C ILE A 224 -3.85 -13.99 -7.30
N LYS A 225 -3.17 -13.45 -8.31
CA LYS A 225 -1.80 -13.84 -8.61
C LYS A 225 -0.87 -12.64 -8.39
N MET A 226 0.27 -12.87 -7.77
CA MET A 226 1.23 -11.80 -7.50
C MET A 226 2.62 -12.17 -7.98
N GLU A 227 3.24 -11.25 -8.71
CA GLU A 227 4.58 -11.47 -9.23
C GLU A 227 5.43 -10.23 -9.00
N VAL A 228 6.66 -10.42 -8.55
CA VAL A 228 7.55 -9.31 -8.34
C VAL A 228 8.76 -9.48 -9.24
N PHE A 229 9.15 -8.40 -9.90
CA PHE A 229 10.30 -8.44 -10.78
C PHE A 229 11.27 -7.36 -10.30
N LEU A 230 12.50 -7.78 -10.03
CA LEU A 230 13.53 -6.87 -9.54
C LEU A 230 14.76 -6.93 -10.44
N ASN A 231 15.43 -5.79 -10.58
CA ASN A 231 16.63 -5.70 -11.40
C ASN A 231 17.81 -5.20 -10.54
N THR A 232 18.91 -5.93 -10.56
CA THR A 232 20.10 -5.54 -9.80
C THR A 232 20.87 -4.48 -10.59
N HIS A 233 21.87 -3.88 -9.97
CA HIS A 233 22.67 -2.86 -10.65
C HIS A 233 23.55 -3.49 -11.73
S SO4 B . 13.27 13.96 3.32
O1 SO4 B . 13.03 15.21 4.04
O2 SO4 B . 11.99 13.45 2.81
O3 SO4 B . 14.20 14.18 2.20
O4 SO4 B . 13.84 12.94 4.24
#